data_8HOV
#
_entry.id   8HOV
#
_cell.length_a   78.416
_cell.length_b   99.175
_cell.length_c   79.998
_cell.angle_alpha   90.000
_cell.angle_beta   109.250
_cell.angle_gamma   90.000
#
_symmetry.space_group_name_H-M   'P 1 21 1'
#
loop_
_entity.id
_entity.type
_entity.pdbx_description
1 polymer 'Transcription factor HMS1'
2 polymer "DNA (5'-D(*TP*CP*AP*CP*GP*CP*AP*T)-3')"
3 polymer "DNA (5'-D(*AP*TP*GP*CP*GP*TP*GP*A)-3')"
4 water water
#
loop_
_entity_poly.entity_id
_entity_poly.type
_entity_poly.pdbx_seq_one_letter_code
_entity_poly.pdbx_strand_id
1 'polypeptide(L)'
;MSHNIIEKKYRSNINDKIEQLRRTVPTLRVAYKKCNDLPITSRDLADLDGLEPATKLNKASILTKSIEYICHLERKCLQL
SLANQHLSNDTRDSFVHLTEPSHHHHHH
;
A,B,C,D,E,F
2 'polydeoxyribonucleotide' (DT)(DC)(DA)(DC)(DG)(DC)(DA)(DT) G,H,K
3 'polydeoxyribonucleotide' (DA)(DT)(DG)(DC)(DG)(DT)(DG)(DA) I,J,L
#
# COMPACT_ATOMS: atom_id res chain seq x y z
N SER A 2 1.64 -21.25 -10.27
CA SER A 2 1.34 -20.39 -11.40
C SER A 2 0.08 -19.58 -11.15
N HIS A 3 -0.15 -18.57 -11.99
CA HIS A 3 -1.37 -17.78 -11.89
C HIS A 3 -2.59 -18.65 -12.19
N ASN A 4 -2.48 -19.55 -13.16
CA ASN A 4 -3.58 -20.47 -13.44
C ASN A 4 -3.85 -21.39 -12.26
N ILE A 5 -2.78 -21.83 -11.58
CA ILE A 5 -2.94 -22.76 -10.46
C ILE A 5 -3.64 -22.07 -9.28
N ILE A 6 -3.19 -20.86 -8.94
CA ILE A 6 -3.80 -20.15 -7.81
C ILE A 6 -5.22 -19.72 -8.16
N GLU A 7 -5.48 -19.38 -9.42
CA GLU A 7 -6.85 -19.11 -9.84
C GLU A 7 -7.70 -20.36 -9.78
N LYS A 8 -7.11 -21.52 -10.09
CA LYS A 8 -7.84 -22.77 -9.97
C LYS A 8 -8.22 -23.05 -8.53
N LYS A 9 -7.32 -22.78 -7.59
CA LYS A 9 -7.67 -22.94 -6.18
C LYS A 9 -8.66 -21.88 -5.71
N TYR A 10 -8.64 -20.70 -6.33
CA TYR A 10 -9.63 -19.68 -6.01
C TYR A 10 -11.02 -20.12 -6.47
N ARG A 11 -11.13 -20.63 -7.70
CA ARG A 11 -12.42 -21.11 -8.19
C ARG A 11 -12.88 -22.35 -7.44
N SER A 12 -11.95 -23.25 -7.12
CA SER A 12 -12.32 -24.47 -6.41
C SER A 12 -12.80 -24.15 -4.99
N ASN A 13 -12.16 -23.18 -4.32
CA ASN A 13 -12.54 -22.84 -2.96
C ASN A 13 -13.99 -22.35 -2.89
N ILE A 14 -14.41 -21.55 -3.87
CA ILE A 14 -15.80 -21.09 -3.92
C ILE A 14 -16.74 -22.26 -4.16
N ASN A 15 -16.40 -23.13 -5.11
CA ASN A 15 -17.28 -24.24 -5.45
C ASN A 15 -17.39 -25.25 -4.32
N ASP A 16 -16.34 -25.39 -3.49
CA ASP A 16 -16.41 -26.30 -2.36
C ASP A 16 -17.48 -25.83 -1.37
N LYS A 17 -17.63 -24.52 -1.19
CA LYS A 17 -18.63 -23.99 -0.27
C LYS A 17 -20.03 -24.03 -0.85
N ILE A 18 -20.17 -23.84 -2.17
CA ILE A 18 -21.47 -23.96 -2.80
C ILE A 18 -21.97 -25.41 -2.71
N GLU A 19 -21.07 -26.38 -2.90
CA GLU A 19 -21.45 -27.78 -2.70
C GLU A 19 -21.81 -28.05 -1.25
N GLN A 20 -21.13 -27.38 -0.32
CA GLN A 20 -21.43 -27.57 1.10
C GLN A 20 -22.85 -27.10 1.42
N LEU A 21 -23.29 -26.01 0.79
CA LEU A 21 -24.67 -25.55 0.97
C LEU A 21 -25.65 -26.58 0.43
N ARG A 22 -25.34 -27.21 -0.70
CA ARG A 22 -26.22 -28.23 -1.25
C ARG A 22 -26.32 -29.44 -0.32
N ARG A 23 -25.32 -29.66 0.52
CA ARG A 23 -25.33 -30.74 1.48
C ARG A 23 -25.95 -30.35 2.82
N THR A 24 -26.39 -29.11 2.97
CA THR A 24 -26.96 -28.63 4.22
C THR A 24 -28.42 -28.21 4.09
N VAL A 25 -28.76 -27.44 3.06
CA VAL A 25 -30.13 -26.97 2.86
C VAL A 25 -31.02 -28.16 2.52
N PRO A 26 -32.09 -28.41 3.30
CA PRO A 26 -32.93 -29.59 3.03
C PRO A 26 -33.57 -29.61 1.66
N THR A 27 -33.96 -28.44 1.13
CA THR A 27 -34.60 -28.40 -0.18
C THR A 27 -33.65 -28.82 -1.29
N LEU A 28 -32.34 -28.77 -1.05
CA LEU A 28 -31.35 -29.23 -2.01
C LEU A 28 -30.89 -30.65 -1.76
N ARG A 29 -30.88 -31.10 -0.50
CA ARG A 29 -30.53 -32.49 -0.21
C ARG A 29 -31.57 -33.44 -0.80
N VAL A 30 -32.85 -33.11 -0.66
CA VAL A 30 -33.90 -33.92 -1.26
C VAL A 30 -33.81 -33.88 -2.78
N ALA A 31 -33.56 -32.69 -3.33
CA ALA A 31 -33.41 -32.58 -4.78
C ALA A 31 -32.23 -33.38 -5.30
N TYR A 32 -31.14 -33.41 -4.52
CA TYR A 32 -29.98 -34.23 -4.91
C TYR A 32 -30.32 -35.70 -4.88
N LYS A 33 -31.16 -36.14 -3.94
CA LYS A 33 -31.53 -37.54 -3.86
C LYS A 33 -32.34 -37.98 -5.07
N LYS A 34 -33.23 -37.12 -5.56
CA LYS A 34 -34.05 -37.49 -6.72
C LYS A 34 -33.20 -37.60 -7.98
N CYS A 35 -32.29 -36.65 -8.21
CA CYS A 35 -31.45 -36.67 -9.40
C CYS A 35 -30.43 -37.81 -9.37
N ASN A 36 -30.18 -38.40 -8.20
CA ASN A 36 -29.25 -39.51 -8.07
C ASN A 36 -29.94 -40.82 -7.71
N ASP A 37 -31.27 -40.86 -7.77
CA ASP A 37 -32.05 -42.07 -7.52
C ASP A 37 -31.76 -42.64 -6.14
N LEU A 38 -32.02 -41.82 -5.12
CA LEU A 38 -31.77 -42.19 -3.74
C LEU A 38 -33.08 -42.23 -2.97
N PRO A 39 -33.20 -43.13 -1.98
CA PRO A 39 -34.46 -43.26 -1.23
C PRO A 39 -34.75 -42.00 -0.42
N ILE A 40 -35.88 -41.37 -0.72
CA ILE A 40 -36.33 -40.18 0.01
C ILE A 40 -37.25 -40.65 1.13
N THR A 41 -36.75 -40.58 2.37
CA THR A 41 -37.47 -41.12 3.52
C THR A 41 -38.49 -40.11 4.04
N SER A 42 -39.19 -40.51 5.11
CA SER A 42 -40.15 -39.61 5.74
C SER A 42 -39.44 -38.42 6.40
N ARG A 43 -38.29 -38.67 7.02
CA ARG A 43 -37.57 -37.59 7.69
C ARG A 43 -37.10 -36.53 6.70
N ASP A 44 -36.75 -36.97 5.49
CA ASP A 44 -36.29 -36.01 4.45
C ASP A 44 -37.43 -35.04 4.16
N LEU A 45 -38.63 -35.56 3.96
CA LEU A 45 -39.79 -34.71 3.59
C LEU A 45 -40.12 -33.72 4.71
N ALA A 46 -39.98 -34.15 5.96
CA ALA A 46 -40.35 -33.28 7.09
C ALA A 46 -39.36 -32.12 7.20
N ASP A 47 -38.07 -32.40 6.98
CA ASP A 47 -37.04 -31.34 7.15
C ASP A 47 -37.39 -30.14 6.28
N LEU A 48 -38.18 -30.34 5.22
CA LEU A 48 -38.49 -29.22 4.29
C LEU A 48 -39.44 -28.24 4.97
N ASP A 49 -40.17 -28.67 5.99
CA ASP A 49 -41.06 -27.82 6.78
C ASP A 49 -41.99 -27.01 5.87
N GLY A 50 -42.48 -27.65 4.82
CA GLY A 50 -43.38 -27.01 3.88
C GLY A 50 -42.71 -26.32 2.71
N LEU A 51 -41.39 -26.18 2.73
CA LEU A 51 -40.69 -25.59 1.61
C LEU A 51 -40.61 -26.57 0.45
N GLU A 52 -40.87 -26.08 -0.75
CA GLU A 52 -40.82 -26.94 -1.92
C GLU A 52 -39.38 -27.30 -2.26
N PRO A 53 -39.11 -28.52 -2.70
CA PRO A 53 -37.76 -28.88 -3.13
C PRO A 53 -37.36 -28.15 -4.40
N ALA A 54 -36.04 -28.01 -4.57
CA ALA A 54 -35.52 -27.35 -5.76
C ALA A 54 -35.68 -28.24 -6.99
N THR A 55 -36.01 -27.61 -8.12
CA THR A 55 -36.13 -28.35 -9.37
C THR A 55 -34.77 -28.52 -10.05
N LYS A 56 -34.07 -27.42 -10.25
CA LYS A 56 -32.72 -27.43 -10.81
C LYS A 56 -31.69 -27.32 -9.69
N LEU A 57 -30.49 -27.81 -9.95
CA LEU A 57 -29.45 -27.88 -8.93
C LEU A 57 -28.20 -27.10 -9.34
N ASN A 58 -28.37 -26.05 -10.14
CA ASN A 58 -27.25 -25.22 -10.53
C ASN A 58 -26.82 -24.33 -9.37
N LYS A 59 -25.73 -23.58 -9.60
CA LYS A 59 -25.18 -22.72 -8.54
C LYS A 59 -26.20 -21.68 -8.10
N ALA A 60 -26.87 -21.03 -9.05
CA ALA A 60 -27.87 -20.02 -8.70
C ALA A 60 -29.02 -20.62 -7.90
N SER A 61 -29.43 -21.84 -8.26
CA SER A 61 -30.49 -22.51 -7.50
C SER A 61 -30.04 -22.80 -6.07
N ILE A 62 -28.79 -23.21 -5.90
CA ILE A 62 -28.29 -23.49 -4.55
C ILE A 62 -28.31 -22.22 -3.71
N LEU A 63 -27.94 -21.08 -4.30
CA LEU A 63 -27.92 -19.83 -3.56
C LEU A 63 -29.32 -19.38 -3.19
N THR A 64 -30.25 -19.39 -4.15
CA THR A 64 -31.58 -18.86 -3.88
C THR A 64 -32.35 -19.72 -2.89
N LYS A 65 -32.13 -21.04 -2.90
CA LYS A 65 -32.76 -21.89 -1.90
C LYS A 65 -32.07 -21.77 -0.55
N SER A 66 -30.79 -21.40 -0.53
CA SER A 66 -30.11 -21.13 0.74
C SER A 66 -30.63 -19.85 1.37
N ILE A 67 -30.87 -18.81 0.56
CA ILE A 67 -31.48 -17.59 1.08
C ILE A 67 -32.87 -17.89 1.62
N GLU A 68 -33.63 -18.73 0.92
CA GLU A 68 -34.94 -19.15 1.39
C GLU A 68 -34.84 -19.88 2.73
N TYR A 69 -33.84 -20.75 2.87
CA TYR A 69 -33.69 -21.52 4.10
C TYR A 69 -33.30 -20.63 5.28
N ILE A 70 -32.49 -19.59 5.03
CA ILE A 70 -32.10 -18.67 6.10
C ILE A 70 -33.32 -17.92 6.62
N CYS A 71 -34.16 -17.41 5.71
CA CYS A 71 -35.35 -16.68 6.14
C CYS A 71 -36.33 -17.60 6.84
N HIS A 72 -36.44 -18.85 6.43
CA HIS A 72 -37.33 -19.81 7.14
C HIS A 72 -36.87 -19.98 8.59
N LEU A 73 -35.60 -20.29 8.79
CA LEU A 73 -35.06 -20.54 10.16
C LEU A 73 -35.15 -19.27 11.00
N GLU A 74 -34.99 -18.10 10.39
CA GLU A 74 -35.10 -16.81 11.11
C GLU A 74 -36.55 -16.63 11.58
N ARG A 75 -37.53 -16.92 10.73
CA ARG A 75 -38.96 -16.81 11.10
C ARG A 75 -39.29 -17.85 12.16
N LYS A 76 -38.65 -19.02 12.10
CA LYS A 76 -38.99 -20.11 13.04
C LYS A 76 -38.26 -19.87 14.36
N CYS A 77 -37.33 -18.93 14.39
CA CYS A 77 -36.70 -18.65 15.71
C CYS A 77 -37.58 -17.64 16.44
N LEU A 78 -38.11 -16.66 15.72
CA LEU A 78 -38.99 -15.66 16.36
C LEU A 78 -40.17 -16.40 16.98
N GLN A 79 -41.01 -17.00 16.14
CA GLN A 79 -42.16 -17.77 16.64
C GLN A 79 -41.72 -18.62 17.83
N LEU A 80 -40.77 -19.50 17.62
CA LEU A 80 -40.36 -20.42 18.72
C LEU A 80 -39.99 -19.59 19.94
N SER A 81 -39.25 -18.49 19.73
CA SER A 81 -38.77 -17.70 20.88
C SER A 81 -39.96 -16.97 21.53
N LEU A 82 -40.80 -16.33 20.72
CA LEU A 82 -41.92 -15.55 21.28
C LEU A 82 -42.71 -16.46 22.22
N ALA A 83 -42.90 -17.72 21.83
CA ALA A 83 -43.66 -18.68 22.66
C ALA A 83 -42.87 -18.98 23.94
N ASN A 84 -41.58 -19.25 23.80
CA ASN A 84 -40.75 -19.55 24.96
C ASN A 84 -40.84 -18.46 26.01
N GLN A 85 -40.87 -17.19 25.58
CA GLN A 85 -41.00 -16.07 26.49
C GLN A 85 -42.44 -15.78 26.87
N HIS A 86 -43.38 -16.64 26.46
CA HIS A 86 -44.80 -16.50 26.78
C HIS A 86 -45.37 -15.18 26.27
N LEU A 87 -44.87 -14.70 25.12
CA LEU A 87 -45.40 -13.50 24.50
C LEU A 87 -46.46 -13.85 23.46
N SER A 88 -46.08 -14.59 22.43
CA SER A 88 -47.01 -15.09 21.42
C SER A 88 -47.92 -14.02 20.84
N SER B 2 6.56 -10.82 -16.42
CA SER B 2 6.09 -9.49 -16.81
C SER B 2 5.13 -8.92 -15.76
N HIS B 3 4.75 -9.76 -14.79
CA HIS B 3 3.84 -9.31 -13.75
C HIS B 3 4.44 -8.19 -12.90
N ASN B 4 5.76 -8.24 -12.67
CA ASN B 4 6.41 -7.15 -11.96
C ASN B 4 6.32 -5.85 -12.73
N ILE B 5 6.51 -5.91 -14.05
CA ILE B 5 6.42 -4.70 -14.87
C ILE B 5 4.99 -4.16 -14.89
N ILE B 6 4.00 -5.05 -14.85
CA ILE B 6 2.61 -4.61 -14.83
C ILE B 6 2.31 -3.82 -13.56
N GLU B 7 2.77 -4.32 -12.41
CA GLU B 7 2.50 -3.65 -11.14
C GLU B 7 3.21 -2.30 -11.05
N LYS B 8 4.37 -2.15 -11.70
CA LYS B 8 5.07 -0.87 -11.67
C LYS B 8 4.26 0.22 -12.37
N LYS B 9 3.75 -0.06 -13.57
CA LYS B 9 2.88 0.89 -14.25
C LYS B 9 1.55 1.04 -13.51
N TYR B 10 1.11 -0.02 -12.83
CA TYR B 10 -0.09 0.06 -12.00
C TYR B 10 0.13 1.01 -10.82
N ARG B 11 1.24 0.83 -10.10
CA ARG B 11 1.55 1.73 -9.00
C ARG B 11 1.82 3.15 -9.48
N SER B 12 2.55 3.28 -10.59
CA SER B 12 2.89 4.61 -11.10
C SER B 12 1.65 5.37 -11.54
N ASN B 13 0.69 4.69 -12.16
CA ASN B 13 -0.52 5.35 -12.61
C ASN B 13 -1.31 5.92 -11.44
N ILE B 14 -1.44 5.16 -10.35
CA ILE B 14 -2.13 5.64 -9.17
C ILE B 14 -1.37 6.80 -8.53
N ASN B 15 -0.05 6.65 -8.38
CA ASN B 15 0.74 7.69 -7.73
C ASN B 15 0.78 8.97 -8.53
N ASP B 16 0.75 8.88 -9.86
CA ASP B 16 0.69 10.08 -10.69
C ASP B 16 -0.60 10.86 -10.44
N LYS B 17 -1.72 10.15 -10.31
CA LYS B 17 -2.99 10.82 -10.03
C LYS B 17 -2.95 11.52 -8.68
N ILE B 18 -2.36 10.87 -7.67
CA ILE B 18 -2.24 11.48 -6.35
C ILE B 18 -1.37 12.73 -6.43
N GLU B 19 -0.31 12.68 -7.24
CA GLU B 19 0.55 13.86 -7.43
C GLU B 19 -0.19 14.99 -8.12
N GLN B 20 -1.09 14.66 -9.06
CA GLN B 20 -1.90 15.68 -9.70
C GLN B 20 -2.82 16.37 -8.68
N LEU B 21 -3.33 15.61 -7.71
CA LEU B 21 -4.12 16.20 -6.64
C LEU B 21 -3.27 17.17 -5.82
N ARG B 22 -2.01 16.80 -5.55
CA ARG B 22 -1.13 17.67 -4.77
C ARG B 22 -0.83 18.97 -5.51
N ARG B 23 -0.83 18.94 -6.84
CA ARG B 23 -0.61 20.12 -7.66
C ARG B 23 -1.89 20.88 -7.97
N THR B 24 -3.01 20.47 -7.40
CA THR B 24 -4.31 21.10 -7.67
C THR B 24 -4.96 21.67 -6.42
N VAL B 25 -4.88 20.97 -5.29
CA VAL B 25 -5.51 21.42 -4.05
C VAL B 25 -4.68 22.53 -3.44
N PRO B 26 -5.26 23.72 -3.18
CA PRO B 26 -4.47 24.82 -2.63
C PRO B 26 -3.80 24.50 -1.30
N THR B 27 -4.47 23.76 -0.41
CA THR B 27 -3.89 23.43 0.89
C THR B 27 -2.69 22.49 0.75
N LEU B 28 -2.55 21.84 -0.40
CA LEU B 28 -1.41 20.96 -0.66
C LEU B 28 -0.29 21.65 -1.43
N ARG B 29 -0.63 22.59 -2.33
CA ARG B 29 0.40 23.33 -3.04
C ARG B 29 1.23 24.16 -2.09
N VAL B 30 0.59 24.82 -1.13
CA VAL B 30 1.31 25.63 -0.16
C VAL B 30 2.21 24.75 0.71
N ALA B 31 1.71 23.56 1.08
CA ALA B 31 2.52 22.63 1.85
C ALA B 31 3.75 22.18 1.06
N TYR B 32 3.59 21.94 -0.24
CA TYR B 32 4.71 21.51 -1.07
C TYR B 32 5.78 22.59 -1.15
N LYS B 33 5.36 23.86 -1.31
CA LYS B 33 6.32 24.95 -1.40
C LYS B 33 7.13 25.10 -0.12
N LYS B 34 6.47 24.97 1.04
CA LYS B 34 7.19 25.09 2.30
C LYS B 34 8.20 23.96 2.49
N CYS B 35 7.83 22.74 2.09
CA CYS B 35 8.73 21.60 2.23
C CYS B 35 9.93 21.68 1.30
N ASN B 36 9.82 22.42 0.20
CA ASN B 36 10.91 22.55 -0.77
C ASN B 36 11.48 23.96 -0.81
N ASP B 37 11.19 24.78 0.21
CA ASP B 37 11.78 26.13 0.34
C ASP B 37 11.50 26.99 -0.88
N LEU B 38 10.27 26.93 -1.37
CA LEU B 38 9.83 27.75 -2.49
C LEU B 38 9.12 29.00 -1.99
N PRO B 39 9.14 30.10 -2.76
CA PRO B 39 8.47 31.33 -2.30
C PRO B 39 6.95 31.16 -2.30
N ILE B 40 6.34 31.48 -1.17
CA ILE B 40 4.88 31.45 -1.03
C ILE B 40 4.39 32.87 -1.27
N THR B 41 3.72 33.07 -2.41
CA THR B 41 3.24 34.39 -2.79
C THR B 41 1.87 34.67 -2.18
N SER B 42 1.39 35.91 -2.37
CA SER B 42 0.05 36.25 -1.93
C SER B 42 -1.01 35.49 -2.73
N ARG B 43 -0.69 35.12 -3.97
CA ARG B 43 -1.59 34.27 -4.75
C ARG B 43 -1.80 32.92 -4.07
N ASP B 44 -0.71 32.31 -3.60
CA ASP B 44 -0.80 31.01 -2.94
C ASP B 44 -1.49 31.08 -1.59
N LEU B 45 -1.60 32.27 -0.99
CA LEU B 45 -2.25 32.41 0.31
C LEU B 45 -3.73 32.76 0.18
N ALA B 46 -4.09 33.55 -0.84
CA ALA B 46 -5.47 34.01 -0.97
C ALA B 46 -6.41 32.89 -1.41
N ASP B 47 -5.92 31.99 -2.27
CA ASP B 47 -6.78 30.93 -2.79
C ASP B 47 -7.14 29.88 -1.74
N LEU B 48 -6.51 29.92 -0.56
CA LEU B 48 -6.89 29.00 0.50
C LEU B 48 -8.32 29.23 0.95
N ASP B 49 -8.82 30.45 0.84
CA ASP B 49 -10.20 30.79 1.18
C ASP B 49 -10.54 30.40 2.61
N GLY B 50 -9.60 30.64 3.53
CA GLY B 50 -9.79 30.35 4.93
C GLY B 50 -9.39 28.97 5.36
N LEU B 51 -8.98 28.11 4.43
CA LEU B 51 -8.57 26.76 4.78
C LEU B 51 -7.10 26.75 5.20
N GLU B 52 -6.78 25.87 6.15
CA GLU B 52 -5.43 25.81 6.68
C GLU B 52 -4.55 24.91 5.79
N PRO B 53 -3.29 25.28 5.62
CA PRO B 53 -2.37 24.42 4.85
C PRO B 53 -2.12 23.10 5.55
N ALA B 54 -1.85 22.08 4.75
CA ALA B 54 -1.56 20.75 5.29
C ALA B 54 -0.19 20.73 5.95
N THR B 55 -0.08 19.97 7.04
CA THR B 55 1.19 19.82 7.74
C THR B 55 2.06 18.77 7.09
N LYS B 56 1.56 17.54 6.98
CA LYS B 56 2.26 16.46 6.32
C LYS B 56 1.68 16.21 4.93
N LEU B 57 2.49 15.59 4.07
CA LEU B 57 2.17 15.48 2.65
C LEU B 57 2.15 14.02 2.19
N ASN B 58 1.72 13.11 3.05
CA ASN B 58 1.61 11.71 2.68
C ASN B 58 0.34 11.49 1.85
N LYS B 59 0.13 10.24 1.42
CA LYS B 59 -1.03 9.92 0.59
C LYS B 59 -2.33 10.16 1.34
N ALA B 60 -2.35 9.84 2.64
CA ALA B 60 -3.55 10.07 3.43
C ALA B 60 -3.92 11.55 3.50
N SER B 61 -2.92 12.41 3.71
CA SER B 61 -3.19 13.84 3.81
C SER B 61 -3.63 14.42 2.47
N ILE B 62 -3.05 13.94 1.38
CA ILE B 62 -3.44 14.42 0.05
C ILE B 62 -4.90 14.12 -0.22
N LEU B 63 -5.32 12.88 0.06
CA LEU B 63 -6.72 12.51 -0.14
C LEU B 63 -7.63 13.28 0.81
N THR B 64 -7.22 13.42 2.07
CA THR B 64 -8.06 14.11 3.05
C THR B 64 -8.27 15.56 2.67
N LYS B 65 -7.20 16.24 2.25
CA LYS B 65 -7.35 17.63 1.81
C LYS B 65 -8.09 17.73 0.50
N SER B 66 -7.95 16.73 -0.39
CA SER B 66 -8.72 16.73 -1.62
C SER B 66 -10.22 16.60 -1.35
N ILE B 67 -10.58 15.74 -0.40
CA ILE B 67 -11.99 15.64 0.00
C ILE B 67 -12.45 16.94 0.63
N GLU B 68 -11.63 17.53 1.50
CA GLU B 68 -12.00 18.78 2.15
C GLU B 68 -12.11 19.92 1.15
N TYR B 69 -11.30 19.90 0.09
CA TYR B 69 -11.41 20.95 -0.93
C TYR B 69 -12.70 20.81 -1.74
N ILE B 70 -13.12 19.58 -2.00
CA ILE B 70 -14.35 19.37 -2.77
C ILE B 70 -15.56 19.91 -2.02
N CYS B 71 -15.67 19.59 -0.72
CA CYS B 71 -16.78 20.09 0.08
C CYS B 71 -16.75 21.61 0.17
N HIS B 72 -15.56 22.19 0.31
CA HIS B 72 -15.44 23.64 0.32
C HIS B 72 -15.89 24.25 -1.00
N LEU B 73 -15.51 23.63 -2.12
CA LEU B 73 -15.85 24.18 -3.43
C LEU B 73 -17.36 24.12 -3.69
N GLU B 74 -17.96 22.95 -3.47
CA GLU B 74 -19.39 22.81 -3.76
C GLU B 74 -20.24 23.65 -2.81
N ARG B 75 -19.77 23.86 -1.58
CA ARG B 75 -20.45 24.81 -0.70
C ARG B 75 -20.34 26.23 -1.24
N LYS B 76 -19.18 26.60 -1.78
CA LYS B 76 -19.02 27.94 -2.34
C LYS B 76 -19.78 28.09 -3.65
N CYS B 77 -19.73 27.06 -4.51
CA CYS B 77 -20.51 27.08 -5.73
C CYS B 77 -22.01 27.16 -5.45
N LEU B 78 -22.46 26.54 -4.35
CA LEU B 78 -23.89 26.56 -4.02
C LEU B 78 -24.35 27.96 -3.65
N GLN B 79 -23.63 28.62 -2.74
CA GLN B 79 -24.06 29.94 -2.28
C GLN B 79 -23.97 30.98 -3.38
N LEU B 80 -22.98 30.87 -4.27
CA LEU B 80 -22.88 31.78 -5.41
C LEU B 80 -24.06 31.62 -6.35
N SER B 81 -24.43 30.37 -6.66
CA SER B 81 -25.53 30.12 -7.57
C SER B 81 -26.87 30.56 -6.98
N LEU B 82 -27.04 30.43 -5.66
CA LEU B 82 -28.25 30.92 -5.02
C LEU B 82 -28.38 32.42 -5.17
N ALA B 83 -27.26 33.15 -5.08
CA ALA B 83 -27.29 34.61 -5.22
C ALA B 83 -27.62 35.02 -6.64
N ASN B 84 -27.03 34.35 -7.63
CA ASN B 84 -27.28 34.71 -9.03
C ASN B 84 -28.74 34.48 -9.41
N GLN B 85 -29.35 33.41 -8.89
CA GLN B 85 -30.76 33.12 -9.12
C GLN B 85 -31.67 33.86 -8.16
N HIS B 86 -31.12 34.69 -7.29
CA HIS B 86 -31.89 35.51 -6.34
C HIS B 86 -32.74 34.63 -5.42
N LEU B 87 -32.11 33.60 -4.85
CA LEU B 87 -32.78 32.67 -3.96
C LEU B 87 -32.10 32.56 -2.61
N SER B 88 -31.31 33.57 -2.22
CA SER B 88 -30.60 33.55 -0.95
C SER B 88 -31.56 33.70 0.22
N ASN C 4 -20.70 -11.93 -25.22
CA ASN C 4 -22.06 -12.49 -25.04
C ASN C 4 -22.77 -11.75 -23.90
N ILE C 5 -23.87 -11.06 -24.20
CA ILE C 5 -24.67 -10.40 -23.14
C ILE C 5 -25.28 -11.49 -22.25
N ILE C 6 -25.79 -12.55 -22.87
CA ILE C 6 -26.36 -13.68 -22.09
C ILE C 6 -25.38 -14.03 -20.98
N GLU C 7 -24.12 -14.25 -21.32
CA GLU C 7 -23.20 -14.67 -20.27
C GLU C 7 -23.14 -13.68 -19.12
N LYS C 8 -23.34 -12.39 -19.40
CA LYS C 8 -23.32 -11.39 -18.33
C LYS C 8 -24.48 -11.59 -17.36
N LYS C 9 -25.64 -12.02 -17.87
CA LYS C 9 -26.79 -12.27 -17.02
C LYS C 9 -26.50 -13.38 -16.02
N TYR C 10 -25.80 -14.43 -16.47
CA TYR C 10 -25.46 -15.54 -15.58
C TYR C 10 -24.56 -15.08 -14.45
N ARG C 11 -23.54 -14.28 -14.75
CA ARG C 11 -22.67 -13.75 -13.70
C ARG C 11 -23.43 -12.77 -12.80
N SER C 12 -24.26 -11.92 -13.40
CA SER C 12 -24.99 -10.94 -12.61
C SER C 12 -25.97 -11.60 -11.66
N ASN C 13 -26.70 -12.62 -12.12
CA ASN C 13 -27.70 -13.27 -11.27
C ASN C 13 -27.04 -14.00 -10.12
N ILE C 14 -25.84 -14.57 -10.34
CA ILE C 14 -25.12 -15.18 -9.23
C ILE C 14 -24.61 -14.11 -8.27
N ASN C 15 -24.06 -13.02 -8.81
CA ASN C 15 -23.56 -11.95 -7.96
C ASN C 15 -24.70 -11.29 -7.18
N ASP C 16 -25.86 -11.14 -7.79
CA ASP C 16 -26.99 -10.53 -7.10
C ASP C 16 -27.41 -11.36 -5.89
N LYS C 17 -27.39 -12.68 -6.01
CA LYS C 17 -27.71 -13.53 -4.87
C LYS C 17 -26.59 -13.54 -3.85
N ILE C 18 -25.35 -13.30 -4.27
CA ILE C 18 -24.25 -13.14 -3.33
C ILE C 18 -24.46 -11.90 -2.48
N GLU C 19 -24.88 -10.80 -3.10
CA GLU C 19 -25.11 -9.56 -2.35
C GLU C 19 -26.28 -9.71 -1.38
N GLN C 20 -27.29 -10.51 -1.73
CA GLN C 20 -28.41 -10.74 -0.83
C GLN C 20 -27.95 -11.43 0.44
N LEU C 21 -27.04 -12.41 0.31
CA LEU C 21 -26.48 -13.06 1.49
C LEU C 21 -25.72 -12.07 2.36
N ARG C 22 -25.00 -11.14 1.73
CA ARG C 22 -24.28 -10.11 2.49
C ARG C 22 -25.26 -9.24 3.27
N ARG C 23 -26.41 -8.93 2.69
CA ARG C 23 -27.43 -8.13 3.35
C ARG C 23 -28.32 -8.93 4.28
N THR C 24 -28.17 -10.26 4.31
CA THR C 24 -29.00 -11.11 5.16
C THR C 24 -28.25 -11.64 6.38
N VAL C 25 -27.04 -12.15 6.19
CA VAL C 25 -26.27 -12.71 7.31
C VAL C 25 -25.78 -11.57 8.20
N PRO C 26 -26.06 -11.61 9.50
CA PRO C 26 -25.63 -10.49 10.38
C PRO C 26 -24.13 -10.26 10.37
N THR C 27 -23.32 -11.32 10.32
CA THR C 27 -21.87 -11.14 10.33
C THR C 27 -21.37 -10.44 9.08
N LEU C 28 -22.16 -10.45 8.01
CA LEU C 28 -21.81 -9.72 6.79
C LEU C 28 -22.39 -8.31 6.77
N ARG C 29 -23.56 -8.11 7.41
CA ARG C 29 -24.13 -6.78 7.50
C ARG C 29 -23.27 -5.86 8.35
N VAL C 30 -22.71 -6.39 9.44
CA VAL C 30 -21.87 -5.59 10.33
C VAL C 30 -20.60 -5.15 9.60
N ALA C 31 -19.98 -6.06 8.86
CA ALA C 31 -18.74 -5.75 8.16
C ALA C 31 -18.95 -4.68 7.09
N TYR C 32 -20.09 -4.76 6.38
CA TYR C 32 -20.37 -3.78 5.34
C TYR C 32 -20.52 -2.37 5.90
N LYS C 33 -20.98 -2.26 7.15
CA LYS C 33 -21.16 -0.94 7.76
C LYS C 33 -19.83 -0.27 8.07
N LYS C 34 -18.81 -1.03 8.46
CA LYS C 34 -17.52 -0.44 8.83
C LYS C 34 -16.88 0.26 7.64
N CYS C 35 -16.73 -0.46 6.52
CA CYS C 35 -16.02 0.08 5.37
C CYS C 35 -16.79 1.20 4.68
N ASN C 36 -18.11 1.27 4.87
CA ASN C 36 -18.93 2.32 4.28
C ASN C 36 -19.25 3.45 5.27
N ASP C 37 -18.63 3.41 6.45
CA ASP C 37 -18.78 4.45 7.48
C ASP C 37 -20.26 4.59 7.88
N LEU C 38 -20.82 3.47 8.31
CA LEU C 38 -22.20 3.39 8.75
C LEU C 38 -22.28 3.15 10.24
N PRO C 39 -23.37 3.57 10.90
CA PRO C 39 -23.47 3.43 12.36
C PRO C 39 -23.68 1.98 12.79
N ILE C 40 -22.79 1.48 13.63
CA ILE C 40 -22.96 0.17 14.25
C ILE C 40 -23.76 0.38 15.53
N THR C 41 -25.00 -0.12 15.55
CA THR C 41 -25.88 0.05 16.69
C THR C 41 -25.89 -1.22 17.53
N SER C 42 -26.49 -1.12 18.72
CA SER C 42 -26.68 -2.29 19.56
C SER C 42 -27.62 -3.30 18.91
N ARG C 43 -28.51 -2.84 18.03
CA ARG C 43 -29.34 -3.76 17.27
C ARG C 43 -28.48 -4.64 16.37
N ASP C 44 -27.50 -4.03 15.71
CA ASP C 44 -26.59 -4.81 14.86
C ASP C 44 -25.76 -5.77 15.70
N LEU C 45 -25.27 -5.31 16.84
CA LEU C 45 -24.49 -6.19 17.71
C LEU C 45 -25.35 -7.30 18.30
N ALA C 46 -26.66 -7.05 18.44
CA ALA C 46 -27.55 -8.10 18.95
C ALA C 46 -27.82 -9.17 17.92
N ASP C 47 -27.84 -8.80 16.63
CA ASP C 47 -28.11 -9.78 15.58
C ASP C 47 -26.99 -10.80 15.45
N LEU C 48 -25.77 -10.44 15.86
CA LEU C 48 -24.66 -11.37 15.77
C LEU C 48 -24.87 -12.60 16.64
N ASP C 49 -25.52 -12.44 17.80
CA ASP C 49 -25.80 -13.54 18.72
C ASP C 49 -24.52 -14.27 19.11
N GLY C 50 -23.45 -13.51 19.30
CA GLY C 50 -22.17 -14.07 19.70
C GLY C 50 -21.26 -14.49 18.55
N LEU C 51 -21.77 -14.48 17.32
CA LEU C 51 -20.94 -14.84 16.17
C LEU C 51 -19.90 -13.76 15.90
N GLU C 52 -18.69 -14.18 15.55
CA GLU C 52 -17.61 -13.24 15.28
C GLU C 52 -17.86 -12.53 13.95
N PRO C 53 -17.83 -11.19 13.91
CA PRO C 53 -18.10 -10.49 12.66
C PRO C 53 -17.03 -10.79 11.61
N ALA C 54 -17.46 -10.78 10.34
CA ALA C 54 -16.55 -11.06 9.25
C ALA C 54 -15.59 -9.90 9.04
N THR C 55 -14.35 -10.23 8.68
CA THR C 55 -13.32 -9.23 8.42
C THR C 55 -13.27 -8.86 6.94
N LYS C 56 -13.01 -9.84 6.08
CA LYS C 56 -13.03 -9.64 4.64
C LYS C 56 -14.40 -9.94 4.07
N LEU C 57 -14.74 -9.26 2.98
CA LEU C 57 -16.06 -9.34 2.38
C LEU C 57 -16.00 -9.86 0.95
N ASN C 58 -15.20 -10.89 0.72
CA ASN C 58 -15.11 -11.53 -0.59
C ASN C 58 -16.21 -12.58 -0.74
N LYS C 59 -16.27 -13.20 -1.91
CA LYS C 59 -17.29 -14.21 -2.17
C LYS C 59 -17.14 -15.40 -1.22
N ALA C 60 -15.91 -15.86 -1.00
CA ALA C 60 -15.68 -17.01 -0.15
C ALA C 60 -16.13 -16.74 1.28
N SER C 61 -15.81 -15.56 1.81
CA SER C 61 -16.21 -15.22 3.17
C SER C 61 -17.73 -15.09 3.28
N ILE C 62 -18.37 -14.54 2.25
CA ILE C 62 -19.83 -14.44 2.25
C ILE C 62 -20.47 -15.82 2.30
N LEU C 63 -19.95 -16.75 1.49
CA LEU C 63 -20.46 -18.12 1.51
C LEU C 63 -20.12 -18.81 2.84
N THR C 64 -18.89 -18.62 3.32
CA THR C 64 -18.49 -19.25 4.59
C THR C 64 -19.33 -18.75 5.75
N LYS C 65 -19.58 -17.45 5.81
CA LYS C 65 -20.42 -16.90 6.86
C LYS C 65 -21.87 -17.36 6.72
N SER C 66 -22.35 -17.50 5.48
CA SER C 66 -23.70 -17.99 5.27
C SER C 66 -23.86 -19.41 5.77
N ILE C 67 -22.86 -20.26 5.54
CA ILE C 67 -22.87 -21.61 6.09
C ILE C 67 -22.85 -21.55 7.62
N GLU C 68 -22.05 -20.64 8.17
CA GLU C 68 -21.98 -20.48 9.62
C GLU C 68 -23.33 -20.06 10.20
N TYR C 69 -24.00 -19.11 9.54
CA TYR C 69 -25.27 -18.60 10.05
C TYR C 69 -26.36 -19.65 9.96
N ILE C 70 -26.35 -20.48 8.91
CA ILE C 70 -27.35 -21.53 8.76
C ILE C 70 -27.25 -22.53 9.90
N CYS C 71 -26.04 -22.98 10.21
CA CYS C 71 -25.91 -24.02 11.26
C CYS C 71 -26.29 -23.41 12.62
N HIS C 72 -25.87 -22.16 12.84
CA HIS C 72 -26.19 -21.47 14.11
C HIS C 72 -27.70 -21.37 14.27
N LEU C 73 -28.39 -20.88 13.24
CA LEU C 73 -29.86 -20.71 13.34
C LEU C 73 -30.48 -22.09 13.60
N GLU C 74 -29.96 -23.13 12.97
CA GLU C 74 -30.52 -24.49 13.15
C GLU C 74 -30.40 -24.87 14.62
N ARG C 75 -29.20 -24.76 15.19
CA ARG C 75 -29.00 -25.17 16.59
C ARG C 75 -29.92 -24.33 17.49
N LYS C 76 -30.06 -23.06 17.17
CA LYS C 76 -30.89 -22.16 18.02
C LYS C 76 -32.32 -22.68 17.99
N CYS C 77 -32.87 -22.92 16.80
CA CYS C 77 -34.25 -23.43 16.68
C CYS C 77 -34.36 -24.72 17.49
N LEU C 78 -33.38 -25.60 17.34
CA LEU C 78 -33.48 -26.91 18.04
C LEU C 78 -33.61 -26.65 19.54
N GLN C 79 -32.68 -25.89 20.12
CA GLN C 79 -32.71 -25.70 21.59
C GLN C 79 -34.01 -25.02 21.99
N LEU C 80 -34.48 -24.06 21.20
CA LEU C 80 -35.71 -23.31 21.56
C LEU C 80 -36.90 -24.28 21.59
N SER C 81 -37.03 -25.11 20.55
CA SER C 81 -38.15 -26.07 20.47
C SER C 81 -38.03 -27.08 21.61
N LEU C 82 -36.80 -27.42 21.98
CA LEU C 82 -36.63 -28.34 23.12
C LEU C 82 -37.17 -27.67 24.38
N ALA C 83 -37.05 -26.34 24.47
CA ALA C 83 -37.64 -25.68 25.63
C ALA C 83 -39.16 -25.59 25.51
N ASN C 84 -39.66 -25.31 24.31
CA ASN C 84 -41.10 -25.18 24.12
C ASN C 84 -41.81 -26.50 24.38
N GLN C 85 -41.28 -27.60 23.86
CA GLN C 85 -41.84 -28.91 24.12
C GLN C 85 -41.41 -29.49 25.46
N HIS C 86 -40.73 -28.70 26.30
CA HIS C 86 -40.29 -29.10 27.63
C HIS C 86 -39.41 -30.35 27.55
N LEU C 87 -38.31 -30.22 26.81
CA LEU C 87 -37.37 -31.30 26.62
C LEU C 87 -35.95 -30.95 27.01
N SER C 88 -35.63 -29.67 27.18
CA SER C 88 -34.28 -29.24 27.53
C SER C 88 -33.91 -29.66 28.95
N SER D 2 13.04 0.16 14.77
CA SER D 2 13.27 1.58 14.97
C SER D 2 13.38 1.92 16.45
N HIS D 3 12.35 2.58 16.98
CA HIS D 3 12.30 2.98 18.39
C HIS D 3 13.58 3.70 18.82
N ASN D 4 14.29 3.12 19.78
CA ASN D 4 15.55 3.70 20.27
C ASN D 4 16.74 2.78 20.04
N ILE D 5 16.67 1.53 20.50
CA ILE D 5 17.83 0.65 20.42
C ILE D 5 18.13 0.25 18.99
N ILE D 6 17.09 -0.04 18.20
CA ILE D 6 17.30 -0.44 16.81
C ILE D 6 17.88 0.71 16.00
N GLU D 7 17.36 1.93 16.22
CA GLU D 7 17.87 3.08 15.48
C GLU D 7 19.29 3.41 15.89
N LYS D 8 19.62 3.29 17.18
CA LYS D 8 20.98 3.56 17.63
C LYS D 8 21.98 2.58 17.03
N LYS D 9 21.57 1.30 16.91
CA LYS D 9 22.45 0.32 16.28
C LYS D 9 22.71 0.67 14.82
N TYR D 10 21.69 1.16 14.12
CA TYR D 10 21.88 1.62 12.75
C TYR D 10 22.85 2.81 12.70
N ARG D 11 22.65 3.79 13.58
CA ARG D 11 23.53 4.94 13.61
C ARG D 11 24.94 4.57 14.05
N SER D 12 25.05 3.74 15.10
CA SER D 12 26.36 3.38 15.63
C SER D 12 27.17 2.59 14.62
N ASN D 13 26.53 1.68 13.90
CA ASN D 13 27.26 0.83 12.95
C ASN D 13 27.88 1.67 11.84
N ILE D 14 27.16 2.68 11.35
CA ILE D 14 27.71 3.56 10.32
C ILE D 14 28.93 4.31 10.85
N ASN D 15 28.82 4.86 12.06
CA ASN D 15 29.91 5.64 12.63
C ASN D 15 31.14 4.79 12.89
N ASP D 16 30.94 3.54 13.31
CA ASP D 16 32.09 2.66 13.55
C ASP D 16 32.90 2.44 12.29
N LYS D 17 32.22 2.27 11.15
CA LYS D 17 32.94 2.12 9.88
C LYS D 17 33.69 3.40 9.53
N ILE D 18 33.06 4.57 9.73
CA ILE D 18 33.74 5.84 9.51
C ILE D 18 34.90 6.00 10.48
N GLU D 19 34.73 5.52 11.70
CA GLU D 19 35.83 5.53 12.67
C GLU D 19 37.01 4.71 12.18
N GLN D 20 36.75 3.52 11.63
CA GLN D 20 37.83 2.67 11.13
C GLN D 20 38.52 3.29 9.92
N LEU D 21 37.78 4.03 9.09
CA LEU D 21 38.40 4.74 7.99
C LEU D 21 39.38 5.79 8.51
N ARG D 22 39.01 6.50 9.57
CA ARG D 22 39.92 7.47 10.18
C ARG D 22 41.15 6.78 10.77
N ARG D 23 40.99 5.57 11.29
CA ARG D 23 42.09 4.81 11.86
C ARG D 23 42.85 4.01 10.81
N THR D 24 42.52 4.18 9.53
CA THR D 24 43.21 3.49 8.46
C THR D 24 43.89 4.45 7.48
N VAL D 25 43.19 5.48 7.03
CA VAL D 25 43.74 6.41 6.04
C VAL D 25 44.86 7.22 6.67
N PRO D 26 46.06 7.26 6.08
CA PRO D 26 47.18 7.99 6.70
C PRO D 26 46.90 9.47 6.91
N THR D 27 46.23 10.13 5.96
CA THR D 27 45.96 11.56 6.12
C THR D 27 44.98 11.84 7.24
N LEU D 28 44.24 10.82 7.70
CA LEU D 28 43.34 10.96 8.83
C LEU D 28 43.96 10.47 10.13
N ARG D 29 44.88 9.50 10.06
CA ARG D 29 45.55 9.02 11.26
C ARG D 29 46.45 10.11 11.84
N VAL D 30 47.22 10.78 10.99
CA VAL D 30 48.11 11.84 11.47
C VAL D 30 47.30 12.99 12.04
N ALA D 31 46.21 13.36 11.38
CA ALA D 31 45.39 14.47 11.85
C ALA D 31 44.73 14.17 13.19
N TYR D 32 44.44 12.90 13.46
CA TYR D 32 43.78 12.56 14.72
C TYR D 32 44.69 12.82 15.92
N LYS D 33 45.98 12.53 15.78
CA LYS D 33 46.91 12.70 16.90
C LYS D 33 47.04 14.17 17.28
N LYS D 34 46.98 15.08 16.30
CA LYS D 34 47.10 16.50 16.60
C LYS D 34 45.94 16.98 17.47
N CYS D 35 44.72 16.53 17.17
CA CYS D 35 43.55 17.00 17.92
C CYS D 35 43.61 16.58 19.38
N ASN D 36 44.04 15.34 19.65
CA ASN D 36 44.04 14.79 20.99
C ASN D 36 45.40 14.87 21.67
N ASP D 37 46.34 15.63 21.09
CA ASP D 37 47.69 15.78 21.65
C ASP D 37 48.37 14.43 21.85
N LEU D 38 48.35 13.62 20.80
CA LEU D 38 49.01 12.33 20.83
C LEU D 38 50.37 12.41 20.17
N PRO D 39 51.35 11.61 20.63
CA PRO D 39 52.69 11.68 20.05
C PRO D 39 52.71 11.25 18.59
N ILE D 40 53.02 12.18 17.70
CA ILE D 40 53.09 11.87 16.26
C ILE D 40 54.42 11.19 16.01
N THR D 41 54.37 9.88 15.74
CA THR D 41 55.57 9.09 15.55
C THR D 41 56.14 9.32 14.15
N SER D 42 57.39 8.87 13.97
CA SER D 42 58.04 8.97 12.67
C SER D 42 57.32 8.11 11.63
N ARG D 43 56.83 6.94 12.02
CA ARG D 43 56.16 6.05 11.09
C ARG D 43 54.87 6.67 10.54
N ASP D 44 54.11 7.34 11.41
CA ASP D 44 52.85 7.93 10.96
C ASP D 44 53.06 8.98 9.88
N LEU D 45 54.11 9.80 10.03
CA LEU D 45 54.41 10.81 9.02
C LEU D 45 54.86 10.19 7.71
N ALA D 46 55.49 9.02 7.77
CA ALA D 46 56.00 8.38 6.57
C ALA D 46 54.90 7.81 5.69
N ASP D 47 53.71 7.60 6.25
CA ASP D 47 52.61 7.01 5.49
C ASP D 47 51.88 8.02 4.60
N LEU D 48 52.16 9.31 4.75
CA LEU D 48 51.48 10.31 3.93
C LEU D 48 51.76 10.12 2.44
N ASP D 49 53.01 9.82 2.10
CA ASP D 49 53.42 9.54 0.72
C ASP D 49 53.05 10.67 -0.23
N GLY D 50 53.27 11.91 0.21
CA GLY D 50 53.03 13.07 -0.62
C GLY D 50 51.65 13.67 -0.50
N LEU D 51 50.77 13.09 0.30
CA LEU D 51 49.41 13.61 0.49
C LEU D 51 49.37 14.47 1.74
N GLU D 52 48.80 15.67 1.60
CA GLU D 52 48.70 16.57 2.74
C GLU D 52 47.73 16.01 3.78
N PRO D 53 47.99 16.23 5.06
CA PRO D 53 47.08 15.75 6.10
C PRO D 53 45.75 16.50 6.07
N ALA D 54 44.80 15.96 6.82
CA ALA D 54 43.45 16.50 6.85
C ALA D 54 43.35 17.63 7.88
N THR D 55 42.75 18.74 7.47
CA THR D 55 42.54 19.86 8.39
C THR D 55 41.46 19.52 9.42
N LYS D 56 40.34 18.97 8.96
CA LYS D 56 39.23 18.62 9.82
C LYS D 56 39.02 17.11 9.81
N LEU D 57 38.27 16.62 10.81
CA LEU D 57 37.97 15.21 10.95
C LEU D 57 36.47 14.94 10.98
N ASN D 58 35.69 15.78 10.32
CA ASN D 58 34.27 15.50 10.20
C ASN D 58 34.04 14.36 9.21
N LYS D 59 32.79 13.88 9.15
CA LYS D 59 32.47 12.73 8.30
C LYS D 59 32.76 13.02 6.83
N ALA D 60 32.41 14.22 6.35
CA ALA D 60 32.60 14.55 4.95
C ALA D 60 34.08 14.52 4.57
N SER D 61 34.94 15.07 5.41
CA SER D 61 36.37 15.05 5.13
C SER D 61 36.93 13.63 5.18
N ILE D 62 36.45 12.82 6.13
CA ILE D 62 36.93 11.45 6.25
C ILE D 62 36.64 10.68 4.96
N LEU D 63 35.42 10.82 4.44
CA LEU D 63 35.07 10.18 3.18
C LEU D 63 35.87 10.77 2.02
N THR D 64 36.05 12.09 2.01
CA THR D 64 36.79 12.74 0.93
C THR D 64 38.24 12.29 0.89
N LYS D 65 38.88 12.19 2.06
CA LYS D 65 40.27 11.71 2.10
C LYS D 65 40.35 10.23 1.73
N SER D 66 39.34 9.46 2.13
CA SER D 66 39.32 8.04 1.76
C SER D 66 39.22 7.86 0.26
N ILE D 67 38.42 8.69 -0.41
CA ILE D 67 38.34 8.65 -1.86
C ILE D 67 39.69 9.02 -2.47
N GLU D 68 40.34 10.05 -1.91
CA GLU D 68 41.66 10.45 -2.39
C GLU D 68 42.68 9.34 -2.19
N TYR D 69 42.65 8.67 -1.04
CA TYR D 69 43.61 7.61 -0.75
C TYR D 69 43.43 6.43 -1.70
N ILE D 70 42.19 6.11 -2.06
CA ILE D 70 41.94 5.00 -2.98
C ILE D 70 42.53 5.29 -4.34
N CYS D 71 42.33 6.52 -4.85
CA CYS D 71 42.89 6.90 -6.13
C CYS D 71 44.42 6.89 -6.08
N HIS D 72 44.99 7.35 -4.97
CA HIS D 72 46.45 7.32 -4.81
C HIS D 72 46.97 5.89 -4.84
N LEU D 73 46.29 4.97 -4.15
CA LEU D 73 46.72 3.57 -4.14
C LEU D 73 46.56 2.94 -5.52
N GLU D 74 45.48 3.29 -6.24
CA GLU D 74 45.27 2.73 -7.57
C GLU D 74 46.37 3.15 -8.53
N ARG D 75 46.79 4.42 -8.46
CA ARG D 75 47.87 4.89 -9.32
C ARG D 75 49.22 4.36 -8.86
N LYS D 76 49.43 4.25 -7.55
CA LYS D 76 50.71 3.75 -7.05
C LYS D 76 50.92 2.29 -7.40
N CYS D 77 49.91 1.44 -7.17
CA CYS D 77 50.01 0.04 -7.54
C CYS D 77 50.18 -0.13 -9.04
N LEU D 78 49.56 0.75 -9.84
CA LEU D 78 49.71 0.68 -11.29
C LEU D 78 51.14 0.93 -11.72
N GLN D 79 51.76 1.98 -11.16
CA GLN D 79 53.13 2.31 -11.54
C GLN D 79 54.10 1.20 -11.14
N LEU D 80 53.89 0.60 -9.97
CA LEU D 80 54.74 -0.50 -9.53
C LEU D 80 54.61 -1.70 -10.47
N SER D 81 53.37 -2.03 -10.87
CA SER D 81 53.16 -3.18 -11.75
C SER D 81 53.72 -2.92 -13.14
N LEU D 82 53.60 -1.69 -13.65
CA LEU D 82 54.15 -1.36 -14.96
C LEU D 82 55.66 -1.52 -14.97
N ALA D 83 56.33 -1.11 -13.89
CA ALA D 83 57.78 -1.25 -13.82
C ALA D 83 58.20 -2.72 -13.71
N ASN D 84 57.47 -3.50 -12.91
CA ASN D 84 57.81 -4.91 -12.73
C ASN D 84 57.64 -5.70 -14.02
N GLN D 85 56.67 -5.33 -14.85
CA GLN D 85 56.48 -5.95 -16.15
C GLN D 85 57.35 -5.31 -17.23
N HIS D 86 58.15 -4.31 -16.87
CA HIS D 86 59.03 -3.62 -17.82
C HIS D 86 58.25 -3.03 -18.97
N LEU D 87 57.08 -2.48 -18.68
CA LEU D 87 56.23 -1.85 -19.69
C LEU D 87 56.17 -0.33 -19.55
N SER D 88 56.63 0.22 -18.44
CA SER D 88 56.60 1.66 -18.22
C SER D 88 57.51 2.40 -19.18
N SER E 2 18.26 28.62 5.82
CA SER E 2 17.71 28.28 7.12
C SER E 2 18.47 27.11 7.74
N HIS E 3 18.10 26.75 8.97
CA HIS E 3 18.74 25.63 9.64
C HIS E 3 18.48 24.32 8.92
N ASN E 4 17.27 24.15 8.38
CA ASN E 4 16.94 22.92 7.66
C ASN E 4 17.63 22.85 6.31
N ILE E 5 17.89 24.00 5.67
CA ILE E 5 18.60 24.01 4.40
C ILE E 5 20.03 23.53 4.59
N ILE E 6 20.70 23.99 5.64
CA ILE E 6 22.07 23.57 5.91
C ILE E 6 22.13 22.08 6.19
N GLU E 7 21.16 21.56 6.96
CA GLU E 7 21.11 20.13 7.24
C GLU E 7 20.94 19.32 5.96
N LYS E 8 20.10 19.79 5.04
CA LYS E 8 19.92 19.11 3.77
C LYS E 8 21.22 19.09 2.96
N LYS E 9 21.92 20.22 2.93
CA LYS E 9 23.22 20.26 2.27
C LYS E 9 24.22 19.35 2.96
N TYR E 10 24.16 19.29 4.29
CA TYR E 10 25.05 18.40 5.05
C TYR E 10 24.78 16.94 4.70
N ARG E 11 23.50 16.55 4.65
CA ARG E 11 23.18 15.16 4.29
C ARG E 11 23.57 14.84 2.86
N SER E 12 23.30 15.76 1.93
CA SER E 12 23.56 15.49 0.51
C SER E 12 25.05 15.32 0.25
N ASN E 13 25.89 16.17 0.86
CA ASN E 13 27.33 16.09 0.62
C ASN E 13 27.90 14.78 1.13
N ILE E 14 27.39 14.29 2.27
CA ILE E 14 27.80 12.98 2.77
C ILE E 14 27.38 11.88 1.80
N ASN E 15 26.15 11.96 1.29
CA ASN E 15 25.67 10.95 0.35
C ASN E 15 26.44 10.99 -0.97
N ASP E 16 26.86 12.18 -1.40
CA ASP E 16 27.64 12.28 -2.63
C ASP E 16 28.96 11.53 -2.51
N LYS E 17 29.64 11.67 -1.37
CA LYS E 17 30.90 10.98 -1.16
C LYS E 17 30.69 9.47 -1.07
N ILE E 18 29.61 9.04 -0.41
CA ILE E 18 29.29 7.62 -0.34
C ILE E 18 28.95 7.08 -1.73
N GLU E 19 28.25 7.89 -2.54
CA GLU E 19 27.97 7.49 -3.92
C GLU E 19 29.24 7.35 -4.73
N GLN E 20 30.22 8.24 -4.51
CA GLN E 20 31.47 8.17 -5.25
C GLN E 20 32.26 6.92 -4.87
N LEU E 21 32.21 6.53 -3.59
CA LEU E 21 32.83 5.28 -3.18
C LEU E 21 32.19 4.09 -3.88
N ARG E 22 30.86 4.10 -4.00
CA ARG E 22 30.16 3.02 -4.69
C ARG E 22 30.54 2.95 -6.16
N ARG E 23 30.88 4.09 -6.76
CA ARG E 23 31.31 4.16 -8.15
C ARG E 23 32.80 3.91 -8.32
N THR E 24 33.54 3.71 -7.23
CA THR E 24 34.98 3.48 -7.29
C THR E 24 35.39 2.09 -6.86
N VAL E 25 34.82 1.57 -5.77
CA VAL E 25 35.20 0.24 -5.28
C VAL E 25 34.69 -0.82 -6.24
N PRO E 26 35.56 -1.70 -6.77
CA PRO E 26 35.09 -2.68 -7.76
C PRO E 26 34.01 -3.63 -7.26
N THR E 27 34.09 -4.04 -5.99
CA THR E 27 33.07 -4.95 -5.45
C THR E 27 31.70 -4.30 -5.39
N LEU E 28 31.65 -2.97 -5.30
CA LEU E 28 30.38 -2.25 -5.32
C LEU E 28 29.93 -1.90 -6.73
N ARG E 29 30.87 -1.74 -7.66
CA ARG E 29 30.51 -1.44 -9.04
C ARG E 29 29.75 -2.61 -9.68
N VAL E 30 30.21 -3.83 -9.43
CA VAL E 30 29.56 -5.01 -10.00
C VAL E 30 28.16 -5.17 -9.41
N ALA E 31 27.99 -4.85 -8.13
CA ALA E 31 26.66 -4.93 -7.52
C ALA E 31 25.71 -3.94 -8.15
N TYR E 32 26.20 -2.73 -8.46
CA TYR E 32 25.38 -1.75 -9.17
C TYR E 32 25.07 -2.18 -10.60
N LYS E 33 25.75 -3.20 -11.13
CA LYS E 33 25.44 -3.72 -12.45
C LYS E 33 24.37 -4.80 -12.41
N LYS E 34 24.32 -5.61 -11.34
CA LYS E 34 23.24 -6.58 -11.19
C LYS E 34 21.89 -5.87 -11.08
N CYS E 35 21.72 -5.08 -10.02
CA CYS E 35 20.59 -4.16 -9.96
C CYS E 35 20.69 -3.16 -11.10
N ASN E 36 19.55 -2.82 -11.69
CA ASN E 36 19.52 -2.02 -12.91
C ASN E 36 20.37 -2.71 -13.99
N ASP E 37 19.88 -3.88 -14.40
CA ASP E 37 20.64 -4.89 -15.12
C ASP E 37 21.51 -4.29 -16.23
N LEU E 38 22.82 -4.44 -16.07
CA LEU E 38 23.83 -3.96 -17.00
C LEU E 38 24.86 -5.04 -17.22
N PRO E 39 25.48 -5.09 -18.40
CA PRO E 39 26.48 -6.13 -18.67
C PRO E 39 27.68 -6.00 -17.75
N ILE E 40 28.20 -7.15 -17.31
CA ILE E 40 29.40 -7.22 -16.49
C ILE E 40 30.51 -7.80 -17.36
N THR E 41 31.48 -6.96 -17.72
CA THR E 41 32.54 -7.37 -18.62
C THR E 41 33.60 -8.18 -17.88
N SER E 42 34.56 -8.71 -18.64
CA SER E 42 35.68 -9.42 -18.04
C SER E 42 36.60 -8.48 -17.28
N ARG E 43 36.65 -7.21 -17.68
CA ARG E 43 37.45 -6.23 -16.95
C ARG E 43 36.91 -6.04 -15.54
N ASP E 44 35.59 -6.00 -15.39
CA ASP E 44 34.98 -5.82 -14.07
C ASP E 44 35.33 -6.98 -13.15
N LEU E 45 35.30 -8.22 -13.67
CA LEU E 45 35.64 -9.38 -12.87
C LEU E 45 37.12 -9.39 -12.50
N ALA E 46 37.98 -8.87 -13.37
CA ALA E 46 39.40 -8.80 -13.06
C ALA E 46 39.68 -7.79 -11.96
N ASP E 47 38.90 -6.72 -11.87
CA ASP E 47 39.09 -5.72 -10.83
C ASP E 47 38.80 -6.25 -9.43
N LEU E 48 38.02 -7.32 -9.32
CA LEU E 48 37.70 -7.87 -8.01
C LEU E 48 38.96 -8.37 -7.31
N ASP E 49 39.88 -8.98 -8.07
CA ASP E 49 41.17 -9.44 -7.54
C ASP E 49 40.99 -10.38 -6.35
N GLY E 50 40.03 -11.29 -6.47
CA GLY E 50 39.78 -12.26 -5.43
C GLY E 50 38.82 -11.83 -4.35
N LEU E 51 38.27 -10.62 -4.44
CA LEU E 51 37.32 -10.13 -3.44
C LEU E 51 35.90 -10.43 -3.89
N GLU E 52 35.08 -10.86 -2.93
CA GLU E 52 33.69 -11.19 -3.24
C GLU E 52 32.91 -9.93 -3.61
N PRO E 53 31.98 -10.04 -4.55
CA PRO E 53 31.13 -8.88 -4.87
C PRO E 53 30.19 -8.56 -3.70
N ALA E 54 29.72 -7.31 -3.70
CA ALA E 54 28.80 -6.86 -2.68
C ALA E 54 27.41 -7.44 -2.93
N THR E 55 26.79 -7.99 -1.88
CA THR E 55 25.45 -8.54 -2.01
C THR E 55 24.40 -7.43 -1.92
N LYS E 56 24.50 -6.59 -0.90
CA LYS E 56 23.61 -5.45 -0.72
C LYS E 56 24.40 -4.16 -0.82
N LEU E 57 23.69 -3.07 -1.11
CA LEU E 57 24.30 -1.77 -1.36
C LEU E 57 23.82 -0.71 -0.36
N ASN E 58 23.77 -1.08 0.92
CA ASN E 58 23.44 -0.11 1.95
C ASN E 58 24.70 0.66 2.38
N LYS E 59 24.50 1.70 3.19
CA LYS E 59 25.61 2.56 3.59
C LYS E 59 26.69 1.78 4.33
N ALA E 60 26.28 0.91 5.27
CA ALA E 60 27.27 0.11 5.99
C ALA E 60 28.04 -0.81 5.05
N SER E 61 27.35 -1.42 4.09
CA SER E 61 28.02 -2.29 3.13
C SER E 61 29.02 -1.51 2.28
N ILE E 62 28.62 -0.32 1.81
CA ILE E 62 29.51 0.50 0.99
C ILE E 62 30.78 0.85 1.76
N LEU E 63 30.63 1.25 3.03
CA LEU E 63 31.79 1.62 3.83
C LEU E 63 32.67 0.42 4.12
N THR E 64 32.08 -0.71 4.49
CA THR E 64 32.86 -1.89 4.85
C THR E 64 33.68 -2.39 3.67
N LYS E 65 33.06 -2.46 2.49
CA LYS E 65 33.80 -2.90 1.31
C LYS E 65 34.85 -1.87 0.88
N SER E 66 34.65 -0.59 1.23
CA SER E 66 35.69 0.40 0.99
C SER E 66 36.90 0.15 1.88
N ILE E 67 36.68 -0.19 3.15
CA ILE E 67 37.78 -0.53 4.05
C ILE E 67 38.50 -1.77 3.54
N GLU E 68 37.73 -2.76 3.08
CA GLU E 68 38.33 -3.97 2.51
C GLU E 68 39.17 -3.64 1.29
N TYR E 69 38.68 -2.76 0.42
CA TYR E 69 39.44 -2.39 -0.77
C TYR E 69 40.69 -1.59 -0.42
N ILE E 70 40.60 -0.71 0.58
CA ILE E 70 41.77 0.07 1.00
C ILE E 70 42.85 -0.85 1.54
N CYS E 71 42.46 -1.79 2.41
CA CYS E 71 43.44 -2.74 2.95
C CYS E 71 43.99 -3.65 1.85
N HIS E 72 43.15 -4.01 0.88
CA HIS E 72 43.62 -4.82 -0.24
C HIS E 72 44.66 -4.08 -1.08
N LEU E 73 44.39 -2.81 -1.38
CA LEU E 73 45.32 -2.03 -2.18
C LEU E 73 46.64 -1.81 -1.45
N GLU E 74 46.58 -1.62 -0.12
CA GLU E 74 47.80 -1.50 0.66
C GLU E 74 48.64 -2.76 0.57
N ARG E 75 47.99 -3.92 0.63
CA ARG E 75 48.72 -5.18 0.47
C ARG E 75 49.31 -5.32 -0.93
N LYS E 76 48.56 -4.90 -1.95
CA LYS E 76 49.04 -5.07 -3.32
C LYS E 76 50.19 -4.12 -3.62
N CYS E 77 50.06 -2.84 -3.26
CA CYS E 77 51.15 -1.89 -3.43
C CYS E 77 52.37 -2.25 -2.56
N LEU E 78 52.19 -3.09 -1.54
CA LEU E 78 53.30 -3.48 -0.69
C LEU E 78 54.17 -4.52 -1.38
N GLN E 79 53.59 -5.67 -1.74
CA GLN E 79 54.36 -6.73 -2.36
C GLN E 79 54.87 -6.34 -3.74
N LEU E 80 54.23 -5.39 -4.41
CA LEU E 80 54.77 -4.88 -5.66
C LEU E 80 56.06 -4.09 -5.42
N SER E 81 56.10 -3.30 -4.34
CA SER E 81 57.32 -2.58 -3.99
C SER E 81 58.44 -3.55 -3.60
N LEU E 82 58.09 -4.60 -2.83
CA LEU E 82 59.10 -5.59 -2.45
C LEU E 82 59.65 -6.33 -3.67
N ALA E 83 58.83 -6.49 -4.71
CA ALA E 83 59.31 -7.11 -5.93
C ALA E 83 60.24 -6.18 -6.70
N ASN E 84 59.96 -4.88 -6.68
CA ASN E 84 60.82 -3.92 -7.37
C ASN E 84 62.17 -3.77 -6.69
N GLN E 85 62.27 -4.11 -5.40
CA GLN E 85 63.55 -4.08 -4.71
C GLN E 85 64.45 -5.24 -5.09
N HIS E 86 63.91 -6.27 -5.74
CA HIS E 86 64.72 -7.35 -6.28
C HIS E 86 65.10 -7.14 -7.74
N LEU E 87 64.39 -6.27 -8.45
CA LEU E 87 64.69 -5.93 -9.83
C LEU E 87 64.72 -7.15 -10.74
N ASN F 4 1.01 -6.02 9.19
CA ASN F 4 1.14 -6.33 10.61
C ASN F 4 0.00 -5.67 11.40
N ILE F 5 0.30 -4.55 12.05
CA ILE F 5 -0.68 -3.82 12.83
C ILE F 5 -0.78 -2.39 12.29
N ILE F 6 0.34 -1.67 12.32
CA ILE F 6 0.38 -0.31 11.79
C ILE F 6 0.24 -0.33 10.27
N GLU F 7 0.84 -1.33 9.62
CA GLU F 7 0.75 -1.45 8.17
C GLU F 7 -0.70 -1.64 7.72
N LYS F 8 -1.45 -2.48 8.44
CA LYS F 8 -2.85 -2.72 8.09
C LYS F 8 -3.69 -1.46 8.28
N LYS F 9 -3.43 -0.71 9.36
CA LYS F 9 -4.26 0.46 9.67
C LYS F 9 -4.12 1.54 8.59
N TYR F 10 -2.89 1.83 8.17
CA TYR F 10 -2.69 2.86 7.17
C TYR F 10 -3.29 2.48 5.83
N ARG F 11 -3.18 1.20 5.46
CA ARG F 11 -3.78 0.73 4.22
C ARG F 11 -5.30 0.86 4.26
N SER F 12 -5.92 0.55 5.41
CA SER F 12 -7.35 0.74 5.55
C SER F 12 -7.73 2.22 5.54
N ASN F 13 -6.85 3.08 6.04
CA ASN F 13 -7.14 4.51 6.05
C ASN F 13 -7.11 5.09 4.64
N ILE F 14 -6.20 4.60 3.80
CA ILE F 14 -6.16 5.05 2.41
C ILE F 14 -7.44 4.66 1.68
N ASN F 15 -7.89 3.42 1.88
CA ASN F 15 -9.12 2.97 1.22
C ASN F 15 -10.32 3.79 1.64
N ASP F 16 -10.44 4.10 2.94
CA ASP F 16 -11.58 4.86 3.42
C ASP F 16 -11.64 6.24 2.77
N LYS F 17 -10.50 6.91 2.64
CA LYS F 17 -10.47 8.20 1.96
C LYS F 17 -10.85 8.04 0.49
N ILE F 18 -10.44 6.93 -0.13
CA ILE F 18 -10.83 6.66 -1.51
C ILE F 18 -12.33 6.40 -1.60
N GLU F 19 -12.88 5.63 -0.67
CA GLU F 19 -14.32 5.33 -0.70
C GLU F 19 -15.15 6.59 -0.51
N GLN F 20 -14.69 7.50 0.34
CA GLN F 20 -15.40 8.77 0.50
C GLN F 20 -15.42 9.57 -0.80
N LEU F 21 -14.33 9.50 -1.56
CA LEU F 21 -14.31 10.17 -2.87
C LEU F 21 -15.36 9.60 -3.80
N ARG F 22 -15.54 8.27 -3.77
CA ARG F 22 -16.55 7.64 -4.62
C ARG F 22 -17.95 8.12 -4.27
N ARG F 23 -18.25 8.24 -2.98
CA ARG F 23 -19.57 8.70 -2.56
C ARG F 23 -19.74 10.20 -2.74
N THR F 24 -18.65 10.95 -2.95
CA THR F 24 -18.70 12.39 -3.10
C THR F 24 -18.72 12.83 -4.56
N VAL F 25 -17.91 12.23 -5.42
CA VAL F 25 -17.85 12.61 -6.83
C VAL F 25 -19.09 12.08 -7.55
N PRO F 26 -19.87 12.95 -8.19
CA PRO F 26 -21.09 12.48 -8.86
C PRO F 26 -20.85 11.46 -9.96
N THR F 27 -19.77 11.61 -10.72
CA THR F 27 -19.49 10.65 -11.80
C THR F 27 -19.17 9.27 -11.27
N LEU F 28 -18.82 9.15 -10.00
CA LEU F 28 -18.63 7.87 -9.35
C LEU F 28 -19.88 7.40 -8.59
N ARG F 29 -20.71 8.33 -8.13
CA ARG F 29 -21.97 7.95 -7.50
C ARG F 29 -22.91 7.29 -8.51
N VAL F 30 -23.01 7.86 -9.71
CA VAL F 30 -23.84 7.27 -10.75
C VAL F 30 -23.27 5.92 -11.17
N ALA F 31 -21.94 5.84 -11.31
CA ALA F 31 -21.32 4.58 -11.71
C ALA F 31 -21.50 3.49 -10.65
N TYR F 32 -21.54 3.86 -9.37
CA TYR F 32 -21.74 2.88 -8.32
C TYR F 32 -23.15 2.32 -8.34
N LYS F 33 -24.13 3.11 -8.77
CA LYS F 33 -25.52 2.65 -8.81
C LYS F 33 -25.69 1.52 -9.81
N LYS F 34 -25.16 1.67 -11.02
CA LYS F 34 -25.32 0.64 -12.04
C LYS F 34 -24.61 -0.65 -11.66
N CYS F 35 -23.44 -0.53 -11.03
CA CYS F 35 -22.66 -1.72 -10.70
C CYS F 35 -23.39 -2.63 -9.72
N ASN F 36 -24.25 -2.08 -8.87
CA ASN F 36 -24.95 -2.83 -7.84
C ASN F 36 -26.45 -2.82 -8.04
N ASP F 37 -26.91 -2.60 -9.27
CA ASP F 37 -28.33 -2.62 -9.62
C ASP F 37 -29.15 -1.68 -8.74
N LEU F 38 -28.76 -0.41 -8.76
CA LEU F 38 -29.47 0.61 -8.00
C LEU F 38 -30.16 1.58 -8.95
N PRO F 39 -31.38 2.03 -8.61
CA PRO F 39 -32.12 2.91 -9.52
C PRO F 39 -31.40 4.23 -9.72
N ILE F 40 -31.09 4.54 -10.97
CA ILE F 40 -30.47 5.81 -11.34
C ILE F 40 -31.62 6.76 -11.72
N THR F 41 -32.08 7.54 -10.75
CA THR F 41 -33.16 8.48 -10.99
C THR F 41 -32.61 9.74 -11.65
N SER F 42 -33.49 10.73 -11.83
CA SER F 42 -33.05 12.05 -12.25
C SER F 42 -32.47 12.81 -11.06
N ARG F 43 -31.97 14.01 -11.33
CA ARG F 43 -31.42 14.92 -10.33
C ARG F 43 -30.08 14.40 -9.78
N ASP F 44 -29.70 13.18 -10.18
CA ASP F 44 -28.35 12.69 -10.01
C ASP F 44 -27.61 12.56 -11.33
N LEU F 45 -28.34 12.47 -12.45
CA LEU F 45 -27.73 12.72 -13.75
C LEU F 45 -27.44 14.21 -13.92
N ALA F 46 -28.24 15.07 -13.29
CA ALA F 46 -28.01 16.51 -13.33
C ALA F 46 -26.83 16.93 -12.47
N ASP F 47 -26.44 16.11 -11.49
CA ASP F 47 -25.25 16.42 -10.71
C ASP F 47 -23.97 16.30 -11.54
N LEU F 48 -24.05 15.65 -12.70
CA LEU F 48 -22.87 15.53 -13.57
C LEU F 48 -22.51 16.87 -14.20
N ASP F 49 -23.49 17.76 -14.39
CA ASP F 49 -23.28 19.06 -15.00
C ASP F 49 -22.60 18.94 -16.37
N GLY F 50 -23.03 17.94 -17.13
CA GLY F 50 -22.47 17.69 -18.43
C GLY F 50 -21.21 16.83 -18.46
N LEU F 51 -20.83 16.24 -17.33
CA LEU F 51 -19.66 15.39 -17.27
C LEU F 51 -20.02 13.94 -17.57
N GLU F 52 -19.01 13.17 -17.98
CA GLU F 52 -19.19 11.77 -18.38
C GLU F 52 -19.10 10.85 -17.17
N PRO F 53 -20.06 9.96 -16.97
CA PRO F 53 -19.97 9.03 -15.85
C PRO F 53 -18.86 8.00 -16.04
N ALA F 54 -18.39 7.47 -14.92
CA ALA F 54 -17.32 6.49 -14.93
C ALA F 54 -17.83 5.12 -15.38
N THR F 55 -16.93 4.32 -15.92
CA THR F 55 -17.24 2.98 -16.40
C THR F 55 -16.87 1.89 -15.39
N LYS F 56 -15.64 1.91 -14.89
CA LYS F 56 -15.17 0.95 -13.90
C LYS F 56 -14.75 1.69 -12.63
N LEU F 57 -15.00 1.07 -11.49
CA LEU F 57 -14.74 1.67 -10.18
C LEU F 57 -13.47 1.05 -9.60
N ASN F 58 -12.32 1.62 -9.99
CA ASN F 58 -11.02 1.25 -9.45
C ASN F 58 -10.37 2.48 -8.82
N LYS F 59 -9.24 2.27 -8.15
CA LYS F 59 -8.56 3.37 -7.48
C LYS F 59 -8.14 4.46 -8.47
N ALA F 60 -7.58 4.06 -9.62
CA ALA F 60 -7.13 5.04 -10.60
C ALA F 60 -8.28 5.86 -11.15
N SER F 61 -9.41 5.20 -11.47
CA SER F 61 -10.56 5.90 -12.00
C SER F 61 -11.17 6.83 -10.96
N ILE F 62 -11.22 6.40 -9.69
CA ILE F 62 -11.75 7.25 -8.64
C ILE F 62 -10.91 8.51 -8.50
N LEU F 63 -9.59 8.37 -8.51
CA LEU F 63 -8.72 9.54 -8.47
C LEU F 63 -8.86 10.38 -9.74
N THR F 64 -9.00 9.72 -10.89
CA THR F 64 -9.13 10.46 -12.16
C THR F 64 -10.40 11.29 -12.18
N LYS F 65 -11.54 10.68 -11.82
CA LYS F 65 -12.80 11.41 -11.81
C LYS F 65 -12.83 12.47 -10.71
N SER F 66 -12.12 12.24 -9.61
CA SER F 66 -12.01 13.26 -8.57
C SER F 66 -11.27 14.48 -9.09
N ILE F 67 -10.21 14.26 -9.87
CA ILE F 67 -9.48 15.37 -10.48
C ILE F 67 -10.39 16.16 -11.42
N GLU F 68 -11.16 15.43 -12.24
CA GLU F 68 -12.09 16.08 -13.17
C GLU F 68 -13.14 16.88 -12.42
N TYR F 69 -13.67 16.33 -11.32
CA TYR F 69 -14.69 17.03 -10.56
C TYR F 69 -14.12 18.26 -9.85
N ILE F 70 -12.88 18.18 -9.37
CA ILE F 70 -12.25 19.33 -8.70
C ILE F 70 -12.06 20.47 -9.69
N CYS F 71 -11.54 20.18 -10.89
CA CYS F 71 -11.35 21.22 -11.90
C CYS F 71 -12.68 21.79 -12.35
N HIS F 72 -13.70 20.94 -12.51
CA HIS F 72 -15.02 21.42 -12.90
C HIS F 72 -15.62 22.35 -11.86
N LEU F 73 -15.46 22.01 -10.57
CA LEU F 73 -15.96 22.88 -9.51
C LEU F 73 -15.25 24.22 -9.49
N GLU F 74 -13.95 24.24 -9.79
CA GLU F 74 -13.23 25.51 -9.85
C GLU F 74 -13.78 26.40 -10.95
N ARG F 75 -14.06 25.82 -12.12
CA ARG F 75 -14.66 26.60 -13.20
C ARG F 75 -16.04 27.12 -12.83
N LYS F 76 -16.87 26.27 -12.22
CA LYS F 76 -18.25 26.66 -11.95
C LYS F 76 -18.34 27.70 -10.84
N CYS F 77 -17.52 27.57 -9.79
CA CYS F 77 -17.49 28.59 -8.75
C CYS F 77 -16.98 29.92 -9.28
N LEU F 78 -16.25 29.92 -10.38
CA LEU F 78 -15.74 31.15 -10.97
C LEU F 78 -16.76 31.80 -11.90
N GLN F 79 -17.49 30.99 -12.68
CA GLN F 79 -18.53 31.54 -13.55
C GLN F 79 -19.58 32.27 -12.74
N LEU F 80 -19.97 31.70 -11.60
CA LEU F 80 -20.96 32.35 -10.75
C LEU F 80 -20.42 33.64 -10.14
N SER F 81 -19.12 33.70 -9.86
CA SER F 81 -18.52 34.94 -9.40
C SER F 81 -18.54 36.00 -10.50
N LEU F 82 -18.39 35.59 -11.76
CA LEU F 82 -18.51 36.52 -12.87
C LEU F 82 -19.92 37.11 -12.93
N ALA F 83 -20.94 36.27 -12.73
CA ALA F 83 -22.31 36.77 -12.71
C ALA F 83 -22.56 37.69 -11.53
N ASN F 84 -21.88 37.46 -10.41
CA ASN F 84 -21.99 38.36 -9.26
C ASN F 84 -21.31 39.69 -9.56
N GLN F 85 -21.51 40.64 -8.65
CA GLN F 85 -21.02 42.01 -8.81
C GLN F 85 -21.54 42.64 -10.10
N HIS F 86 -22.79 42.32 -10.44
CA HIS F 86 -23.44 42.86 -11.63
C HIS F 86 -24.80 43.47 -11.28
#